data_3GJ8
#
_entry.id   3GJ8
#
_cell.length_a   74.257
_cell.length_b   61.713
_cell.length_c   70.635
_cell.angle_alpha   90.00
_cell.angle_beta   112.31
_cell.angle_gamma   90.00
#
_symmetry.space_group_name_H-M   'P 1 21 1'
#
loop_
_entity.id
_entity.type
_entity.pdbx_description
1 polymer 'GTP-binding nuclear protein Ran'
2 polymer 'Nuclear pore complex protein Nup153'
3 non-polymer 'MAGNESIUM ION'
4 non-polymer "GUANOSINE-5'-DIPHOSPHATE"
5 non-polymer 'ZINC ION'
6 water water
#
loop_
_entity_poly.entity_id
_entity_poly.type
_entity_poly.pdbx_seq_one_letter_code
_entity_poly.pdbx_strand_id
1 'polypeptide(L)'
;GPHMASAAQGEPQVQFKLVLVGDGGTGKTTFVKRHLTGESEKKYVATLGVEVHPLVFHTNRGPIKFNVWDTAGQEKFGGL
RDGYYIQAQCAIIMFDVTSRVTYKNVPNWHRDLVRVCENIPIVLCGNKVDIKDRKVKAKSIVFHRKKNLQYYDISAKSNY
NFEKPFLWLARKLIGDPNLEFVAMPALAPPEVVMDPALAAQYEHDLEVAQTTALPDEDDDL
;
A,C
2 'polypeptide(L)'
;GPLGSVGSWECPVCCVSNKAEDSRCVSCTSEKPGLVSASSSNSVPVSLPSGGCLGLDKFKKPEGSWDCEVCLVQNKADST
KCIACESAKPGT
;
B,D
#
# COMPACT_ATOMS: atom_id res chain seq x y z
N GLU A 11 5.52 13.76 -12.88
CA GLU A 11 4.82 14.26 -11.71
C GLU A 11 5.68 14.19 -10.45
N PRO A 12 5.93 15.35 -9.82
CA PRO A 12 6.61 15.42 -8.53
C PRO A 12 5.67 14.96 -7.42
N GLN A 13 6.12 13.99 -6.61
CA GLN A 13 5.26 13.42 -5.58
C GLN A 13 5.02 14.37 -4.41
N VAL A 14 3.77 14.44 -3.96
CA VAL A 14 3.39 15.30 -2.84
C VAL A 14 3.70 14.61 -1.50
N GLN A 15 4.63 15.19 -0.75
CA GLN A 15 5.02 14.59 0.52
C GLN A 15 5.24 15.65 1.59
N PHE A 16 5.03 15.23 2.84
CA PHE A 16 5.08 16.12 3.99
C PHE A 16 5.85 15.44 5.11
N LYS A 17 6.73 16.19 5.75
CA LYS A 17 7.37 15.71 6.97
C LYS A 17 6.39 15.86 8.13
N LEU A 18 6.11 14.76 8.80
CA LEU A 18 5.20 14.74 9.93
C LEU A 18 5.97 14.28 11.16
N VAL A 19 5.99 15.10 12.21
CA VAL A 19 6.66 14.66 13.43
C VAL A 19 5.64 14.10 14.41
N LEU A 20 5.98 12.98 15.03
CA LEU A 20 5.08 12.29 15.92
C LEU A 20 5.71 12.38 17.30
N VAL A 21 5.08 13.13 18.20
CA VAL A 21 5.67 13.38 19.51
C VAL A 21 4.68 13.09 20.64
N GLY A 22 5.18 13.11 21.87
CA GLY A 22 4.40 12.68 23.02
C GLY A 22 5.27 11.88 23.97
N ASP A 23 4.82 11.76 25.22
CA ASP A 23 5.59 11.03 26.24
C ASP A 23 5.97 9.63 25.81
N GLY A 24 7.08 9.13 26.33
CA GLY A 24 7.43 7.73 26.14
C GLY A 24 6.32 6.83 26.66
N GLY A 25 6.05 5.76 25.93
CA GLY A 25 5.06 4.78 26.33
C GLY A 25 3.63 5.07 25.89
N THR A 26 3.43 6.15 25.15
CA THR A 26 2.07 6.51 24.74
C THR A 26 1.59 5.71 23.53
N GLY A 27 2.54 5.08 22.83
CA GLY A 27 2.22 4.19 21.72
C GLY A 27 2.56 4.75 20.35
N LYS A 28 3.48 5.71 20.31
CA LYS A 28 3.85 6.34 19.04
C LYS A 28 4.41 5.32 18.02
N THR A 29 5.36 4.50 18.46
CA THR A 29 5.96 3.51 17.58
C THR A 29 4.94 2.47 17.11
N THR A 30 4.11 2.00 18.04
CA THR A 30 3.08 1.03 17.72
C THR A 30 2.16 1.62 16.66
N PHE A 31 1.80 2.89 16.83
CA PHE A 31 0.93 3.59 15.89
C PHE A 31 1.53 3.70 14.49
N VAL A 32 2.73 4.26 14.39
CA VAL A 32 3.31 4.45 13.06
C VAL A 32 3.49 3.11 12.34
N LYS A 33 3.78 2.06 13.10
CA LYS A 33 4.05 0.75 12.50
C LYS A 33 2.83 0.01 11.95
N ARG A 34 1.63 0.54 12.18
CA ARG A 34 0.43 -0.11 11.63
C ARG A 34 0.51 -0.15 10.11
N HIS A 35 1.12 0.87 9.51
CA HIS A 35 1.13 1.04 8.06
C HIS A 35 2.25 0.17 7.49
N LEU A 36 1.87 -0.91 6.81
CA LEU A 36 2.82 -1.97 6.48
C LEU A 36 3.95 -1.53 5.56
N THR A 37 3.61 -0.77 4.52
CA THR A 37 4.61 -0.30 3.57
C THR A 37 5.49 0.79 4.19
N GLY A 38 4.89 1.63 5.03
CA GLY A 38 5.66 2.60 5.80
C GLY A 38 6.72 1.90 6.64
N GLU A 39 6.42 0.71 7.11
CA GLU A 39 7.37 -0.02 7.94
C GLU A 39 8.44 -0.71 7.10
N SER A 40 8.05 -1.26 5.95
CA SER A 40 9.04 -1.95 5.11
C SER A 40 9.99 -1.01 4.37
N GLU A 41 9.55 0.23 4.19
CA GLU A 41 10.36 1.23 3.47
C GLU A 41 10.93 2.30 4.40
N LYS A 42 10.86 2.05 5.71
CA LYS A 42 11.34 3.04 6.67
C LYS A 42 12.85 3.31 6.51
N LYS A 43 13.25 4.53 6.81
CA LYS A 43 14.64 4.93 6.67
C LYS A 43 15.20 5.29 8.04
N TYR A 44 16.35 4.72 8.39
CA TYR A 44 16.99 5.08 9.65
C TYR A 44 17.91 6.30 9.50
N VAL A 45 17.78 7.24 10.43
CA VAL A 45 18.58 8.45 10.44
C VAL A 45 19.48 8.39 11.65
N ALA A 46 20.70 7.89 11.43
CA ALA A 46 21.62 7.58 12.52
C ALA A 46 22.00 8.78 13.39
N THR A 47 22.20 9.94 12.76
CA THR A 47 22.64 11.13 13.51
C THR A 47 21.62 11.56 14.56
N LEU A 48 20.33 11.39 14.25
CA LEU A 48 19.27 11.82 15.16
C LEU A 48 18.62 10.66 15.91
N GLY A 49 18.95 9.44 15.51
CA GLY A 49 18.33 8.25 16.07
C GLY A 49 16.84 8.26 15.80
N VAL A 50 16.49 8.31 14.53
CA VAL A 50 15.10 8.45 14.13
C VAL A 50 14.83 7.48 12.99
N GLU A 51 13.61 6.93 12.96
CA GLU A 51 13.18 6.16 11.80
C GLU A 51 12.11 6.97 11.08
N VAL A 52 12.30 7.20 9.79
CA VAL A 52 11.31 7.93 9.01
C VAL A 52 10.48 6.95 8.20
N HIS A 53 9.18 6.92 8.46
CA HIS A 53 8.29 5.96 7.81
C HIS A 53 7.51 6.66 6.71
N PRO A 54 7.69 6.23 5.46
CA PRO A 54 6.95 6.91 4.38
C PRO A 54 5.54 6.31 4.24
N LEU A 55 4.53 7.03 4.70
CA LEU A 55 3.16 6.52 4.68
C LEU A 55 2.39 7.11 3.52
N VAL A 56 2.12 6.30 2.50
CA VAL A 56 1.33 6.78 1.38
C VAL A 56 -0.16 6.53 1.64
N PHE A 57 -0.96 7.55 1.33
CA PHE A 57 -2.42 7.44 1.32
C PHE A 57 -2.93 7.82 -0.06
N HIS A 58 -3.87 7.06 -0.57
CA HIS A 58 -4.43 7.35 -1.89
C HIS A 58 -5.70 8.18 -1.75
N THR A 59 -5.65 9.42 -2.24
CA THR A 59 -6.76 10.34 -2.10
C THR A 59 -7.47 10.48 -3.43
N ASN A 60 -8.63 11.13 -3.40
CA ASN A 60 -9.39 11.36 -4.61
C ASN A 60 -8.64 12.27 -5.57
N ARG A 61 -7.61 12.93 -5.07
CA ARG A 61 -6.76 13.77 -5.90
C ARG A 61 -5.34 13.24 -6.02
N GLY A 62 -5.17 11.93 -5.83
CA GLY A 62 -3.87 11.32 -6.01
C GLY A 62 -3.19 10.95 -4.70
N PRO A 63 -2.02 10.31 -4.80
CA PRO A 63 -1.26 9.89 -3.62
C PRO A 63 -0.73 11.07 -2.83
N ILE A 64 -0.72 10.93 -1.51
CA ILE A 64 -0.07 11.86 -0.62
C ILE A 64 0.81 11.05 0.32
N LYS A 65 2.04 11.49 0.51
CA LYS A 65 2.97 10.75 1.35
C LYS A 65 3.29 11.55 2.63
N PHE A 66 3.05 10.93 3.78
CA PHE A 66 3.46 11.51 5.06
C PHE A 66 4.71 10.79 5.54
N ASN A 67 5.82 11.51 5.54
CA ASN A 67 7.06 10.96 6.04
C ASN A 67 7.08 11.15 7.56
N VAL A 68 6.73 10.09 8.29
CA VAL A 68 6.53 10.20 9.73
C VAL A 68 7.81 9.90 10.51
N TRP A 69 8.21 10.86 11.34
CA TRP A 69 9.44 10.75 12.11
C TRP A 69 9.12 10.14 13.46
N ASP A 70 9.64 8.94 13.71
CA ASP A 70 9.44 8.28 14.99
C ASP A 70 10.75 8.23 15.74
N THR A 71 10.73 8.57 17.03
CA THR A 71 11.93 8.51 17.86
C THR A 71 12.39 7.09 18.15
N ALA A 72 13.59 6.98 18.71
CA ALA A 72 14.08 5.73 19.27
C ALA A 72 14.03 5.77 20.82
N GLY A 73 13.05 6.47 21.36
CA GLY A 73 12.82 6.45 22.80
C GLY A 73 13.50 7.56 23.57
N GLN A 74 14.23 8.43 22.88
CA GLN A 74 14.98 9.48 23.55
C GLN A 74 14.08 10.47 24.30
N GLU A 75 12.81 10.57 23.90
CA GLU A 75 11.88 11.47 24.59
C GLU A 75 11.74 11.09 26.08
N LYS A 76 12.14 9.88 26.43
CA LYS A 76 12.08 9.44 27.82
C LYS A 76 13.04 10.22 28.72
N PHE A 77 14.01 10.90 28.10
CA PHE A 77 15.11 11.50 28.85
C PHE A 77 15.18 13.02 28.75
N GLY A 78 14.31 13.60 27.96
CA GLY A 78 14.26 15.04 27.82
C GLY A 78 13.65 15.45 26.51
N GLY A 79 13.67 16.74 26.22
CA GLY A 79 13.17 17.24 24.94
C GLY A 79 13.93 16.66 23.77
N LEU A 80 13.36 16.78 22.57
CA LEU A 80 14.04 16.30 21.37
C LEU A 80 14.87 17.42 20.76
N ARG A 81 15.91 17.04 20.02
CA ARG A 81 16.80 18.03 19.41
C ARG A 81 16.14 18.79 18.26
N ASP A 82 16.67 19.96 17.95
CA ASP A 82 16.12 20.83 16.92
C ASP A 82 15.97 20.10 15.58
N GLY A 83 16.98 19.31 15.23
CA GLY A 83 16.98 18.60 13.96
C GLY A 83 15.78 17.67 13.80
N TYR A 84 15.29 17.15 14.91
CA TYR A 84 14.10 16.30 14.86
C TYR A 84 12.91 17.10 14.32
N TYR A 85 12.75 18.32 14.81
CA TYR A 85 11.59 19.15 14.50
C TYR A 85 11.73 19.90 13.18
N ILE A 86 12.97 20.16 12.79
CA ILE A 86 13.23 21.08 11.69
C ILE A 86 12.55 20.67 10.38
N GLN A 87 11.90 21.64 9.74
CA GLN A 87 11.20 21.44 8.48
C GLN A 87 9.98 20.54 8.57
N ALA A 88 9.49 20.27 9.79
CA ALA A 88 8.23 19.56 9.91
C ALA A 88 7.13 20.41 9.28
N GLN A 89 6.18 19.74 8.61
CA GLN A 89 5.10 20.46 7.95
C GLN A 89 3.79 20.21 8.64
N CYS A 90 3.79 19.22 9.53
CA CYS A 90 2.63 18.86 10.31
C CYS A 90 3.07 17.97 11.46
N ALA A 91 2.17 17.69 12.39
CA ALA A 91 2.53 16.89 13.55
C ALA A 91 1.32 16.20 14.15
N ILE A 92 1.60 15.12 14.87
CA ILE A 92 0.62 14.48 15.74
C ILE A 92 1.25 14.48 17.13
N ILE A 93 0.49 14.96 18.10
CA ILE A 93 0.88 14.85 19.50
C ILE A 93 0.04 13.77 20.14
N MET A 94 0.69 12.77 20.71
CA MET A 94 -0.01 11.63 21.26
C MET A 94 0.07 11.62 22.78
N PHE A 95 -1.00 11.18 23.42
CA PHE A 95 -0.95 10.84 24.83
C PHE A 95 -1.69 9.52 25.01
N ASP A 96 -1.69 9.01 26.24
CA ASP A 96 -2.24 7.71 26.57
C ASP A 96 -3.44 7.94 27.49
N VAL A 97 -4.63 7.54 27.04
CA VAL A 97 -5.84 7.82 27.83
C VAL A 97 -5.89 7.04 29.15
N THR A 98 -4.94 6.13 29.36
CA THR A 98 -4.86 5.41 30.64
C THR A 98 -3.83 6.04 31.59
N SER A 99 -3.16 7.11 31.13
CA SER A 99 -2.14 7.77 31.94
C SER A 99 -2.29 9.29 31.92
N ARG A 100 -2.84 9.84 33.00
CA ARG A 100 -3.17 11.27 33.04
C ARG A 100 -1.95 12.16 32.86
N VAL A 101 -0.81 11.73 33.39
CA VAL A 101 0.39 12.54 33.28
C VAL A 101 0.82 12.76 31.83
N THR A 102 0.55 11.77 30.96
CA THR A 102 0.86 11.94 29.55
C THR A 102 0.02 13.06 28.92
N TYR A 103 -1.22 13.21 29.38
CA TYR A 103 -2.05 14.32 28.93
C TYR A 103 -1.57 15.64 29.54
N LYS A 104 -1.13 15.60 30.79
CA LYS A 104 -0.63 16.81 31.44
C LYS A 104 0.59 17.37 30.72
N ASN A 105 1.35 16.48 30.08
CA ASN A 105 2.55 16.87 29.35
C ASN A 105 2.30 17.34 27.91
N VAL A 106 1.06 17.22 27.45
CA VAL A 106 0.74 17.66 26.09
C VAL A 106 1.15 19.13 25.82
N PRO A 107 0.80 20.05 26.74
CA PRO A 107 1.19 21.46 26.50
C PRO A 107 2.71 21.65 26.33
N ASN A 108 3.51 20.86 27.03
CA ASN A 108 4.97 20.95 26.90
C ASN A 108 5.41 20.52 25.50
N TRP A 109 4.84 19.42 25.02
CA TRP A 109 5.13 18.97 23.66
C TRP A 109 4.73 20.03 22.64
N HIS A 110 3.54 20.57 22.81
CA HIS A 110 3.05 21.59 21.89
C HIS A 110 4.00 22.79 21.88
N ARG A 111 4.45 23.20 23.06
CA ARG A 111 5.39 24.30 23.19
C ARG A 111 6.70 24.03 22.45
N ASP A 112 7.32 22.88 22.72
CA ASP A 112 8.59 22.51 22.10
C ASP A 112 8.46 22.47 20.59
N LEU A 113 7.30 22.01 20.14
CA LEU A 113 7.01 21.85 18.73
C LEU A 113 6.92 23.20 18.02
N VAL A 114 6.06 24.06 18.54
CA VAL A 114 5.81 25.36 17.94
C VAL A 114 7.02 26.29 18.06
N ARG A 115 7.86 26.07 19.06
CA ARG A 115 9.08 26.84 19.21
C ARG A 115 9.95 26.71 17.96
N VAL A 116 9.95 25.52 17.38
CA VAL A 116 10.77 25.25 16.20
C VAL A 116 9.98 25.39 14.91
N CYS A 117 8.69 25.05 14.96
CA CYS A 117 7.89 24.94 13.74
C CYS A 117 6.78 25.99 13.60
N GLU A 118 6.47 26.69 14.69
CA GLU A 118 5.40 27.68 14.68
C GLU A 118 4.03 27.03 14.49
N ASN A 119 3.18 27.66 13.67
CA ASN A 119 1.79 27.22 13.49
C ASN A 119 1.59 26.25 12.33
N ILE A 120 2.25 25.10 12.38
CA ILE A 120 1.93 24.04 11.44
C ILE A 120 0.65 23.34 11.92
N PRO A 121 -0.04 22.64 11.01
CA PRO A 121 -1.23 21.88 11.40
C PRO A 121 -0.88 20.73 12.34
N ILE A 122 -1.63 20.61 13.43
CA ILE A 122 -1.36 19.61 14.45
C ILE A 122 -2.62 18.87 14.86
N VAL A 123 -2.52 17.54 14.97
CA VAL A 123 -3.60 16.72 15.50
C VAL A 123 -3.21 16.15 16.86
N LEU A 124 -4.15 16.22 17.81
CA LEU A 124 -3.95 15.64 19.13
C LEU A 124 -4.66 14.29 19.17
N CYS A 125 -3.94 13.24 19.57
CA CYS A 125 -4.48 11.89 19.59
C CYS A 125 -4.38 11.25 20.97
N GLY A 126 -5.52 10.79 21.49
CA GLY A 126 -5.55 10.04 22.72
C GLY A 126 -5.55 8.56 22.40
N ASN A 127 -4.44 7.89 22.68
CA ASN A 127 -4.25 6.49 22.30
C ASN A 127 -4.65 5.51 23.41
N LYS A 128 -4.84 4.26 23.00
CA LYS A 128 -5.15 3.14 23.91
C LYS A 128 -6.59 3.14 24.41
N VAL A 129 -7.51 3.58 23.57
CA VAL A 129 -8.91 3.64 23.98
C VAL A 129 -9.57 2.27 23.96
N ASP A 130 -8.82 1.25 23.54
CA ASP A 130 -9.31 -0.12 23.62
C ASP A 130 -9.36 -0.61 25.06
N ILE A 131 -8.56 0.01 25.92
CA ILE A 131 -8.49 -0.40 27.32
C ILE A 131 -9.73 0.05 28.12
N LYS A 132 -10.46 -0.92 28.66
CA LYS A 132 -11.70 -0.66 29.37
C LYS A 132 -11.58 0.42 30.45
N ASP A 133 -10.56 0.30 31.29
CA ASP A 133 -10.38 1.23 32.40
C ASP A 133 -9.74 2.54 31.94
N ARG A 134 -10.52 3.37 31.27
CA ARG A 134 -10.02 4.61 30.72
C ARG A 134 -9.97 5.71 31.77
N LYS A 135 -8.89 6.49 31.77
CA LYS A 135 -8.68 7.50 32.81
C LYS A 135 -8.94 8.92 32.32
N VAL A 136 -8.44 9.24 31.13
CA VAL A 136 -8.64 10.55 30.56
C VAL A 136 -9.83 10.50 29.59
N LYS A 137 -10.97 11.00 30.04
CA LYS A 137 -12.20 10.92 29.24
C LYS A 137 -12.43 12.19 28.42
N ALA A 138 -13.40 12.12 27.52
CA ALA A 138 -13.71 13.22 26.61
C ALA A 138 -13.91 14.55 27.35
N LYS A 139 -14.56 14.50 28.50
CA LYS A 139 -14.84 15.73 29.24
C LYS A 139 -13.57 16.45 29.67
N SER A 140 -12.50 15.69 29.87
CA SER A 140 -11.24 16.25 30.36
C SER A 140 -10.31 16.68 29.24
N ILE A 141 -10.61 16.24 28.02
CA ILE A 141 -9.74 16.51 26.89
C ILE A 141 -10.07 17.87 26.27
N VAL A 142 -9.24 18.86 26.56
CA VAL A 142 -9.59 20.25 26.32
C VAL A 142 -8.50 21.04 25.60
N PHE A 143 -7.26 20.58 25.70
CA PHE A 143 -6.13 21.31 25.15
C PHE A 143 -6.32 21.76 23.71
N HIS A 144 -6.89 20.88 22.88
CA HIS A 144 -7.07 21.18 21.46
C HIS A 144 -8.06 22.32 21.24
N ARG A 145 -9.11 22.34 22.07
CA ARG A 145 -10.16 23.35 21.91
C ARG A 145 -9.62 24.76 22.06
N LYS A 146 -8.57 24.91 22.86
CA LYS A 146 -7.99 26.22 23.14
C LYS A 146 -6.82 26.58 22.23
N LYS A 147 -6.38 25.64 21.40
CA LYS A 147 -5.17 25.85 20.61
C LYS A 147 -5.36 25.71 19.10
N ASN A 148 -6.59 25.57 18.64
CA ASN A 148 -6.86 25.45 17.20
C ASN A 148 -6.70 24.02 16.67
N LEU A 149 -6.44 23.08 17.57
CA LEU A 149 -6.09 21.72 17.18
C LEU A 149 -7.31 20.80 17.03
N GLN A 150 -7.17 19.79 16.16
CA GLN A 150 -8.20 18.76 16.04
C GLN A 150 -7.86 17.59 16.97
N TYR A 151 -8.87 16.96 17.57
CA TYR A 151 -8.63 15.83 18.45
C TYR A 151 -9.29 14.54 17.92
N TYR A 152 -8.61 13.40 18.08
CA TYR A 152 -9.19 12.07 17.86
C TYR A 152 -8.79 11.07 18.94
N ASP A 153 -9.75 10.25 19.38
CA ASP A 153 -9.43 9.03 20.11
C ASP A 153 -8.83 8.07 19.08
N ILE A 154 -7.79 7.34 19.47
CA ILE A 154 -7.29 6.26 18.63
C ILE A 154 -6.92 5.04 19.48
N SER A 155 -6.79 3.90 18.81
CA SER A 155 -6.22 2.71 19.41
C SER A 155 -5.30 2.09 18.37
N ALA A 156 -4.00 2.29 18.56
CA ALA A 156 -3.02 1.78 17.62
C ALA A 156 -3.14 0.27 17.44
N LYS A 157 -3.35 -0.44 18.54
CA LYS A 157 -3.38 -1.91 18.54
C LYS A 157 -4.56 -2.50 17.76
N SER A 158 -5.64 -1.73 17.64
CA SER A 158 -6.84 -2.17 16.93
C SER A 158 -7.07 -1.44 15.59
N ASN A 159 -6.19 -0.51 15.22
CA ASN A 159 -6.37 0.31 14.02
C ASN A 159 -7.54 1.29 14.12
N TYR A 160 -8.13 1.40 15.30
CA TYR A 160 -9.27 2.30 15.48
C TYR A 160 -8.91 3.75 15.17
N ASN A 161 -9.61 4.31 14.20
CA ASN A 161 -9.43 5.70 13.79
C ASN A 161 -8.04 5.98 13.21
N PHE A 162 -7.37 4.94 12.73
CA PHE A 162 -6.00 5.11 12.22
C PHE A 162 -5.90 6.25 11.22
N GLU A 163 -6.83 6.32 10.28
CA GLU A 163 -6.72 7.22 9.16
C GLU A 163 -7.10 8.66 9.51
N LYS A 164 -7.80 8.84 10.63
CA LYS A 164 -8.41 10.14 10.94
C LYS A 164 -7.42 11.30 10.99
N PRO A 165 -6.33 11.14 11.76
CA PRO A 165 -5.37 12.25 11.85
C PRO A 165 -4.80 12.61 10.48
N PHE A 166 -4.48 11.60 9.68
CA PHE A 166 -3.86 11.85 8.40
C PHE A 166 -4.81 12.52 7.43
N LEU A 167 -6.09 12.16 7.50
CA LEU A 167 -7.07 12.76 6.61
C LEU A 167 -7.29 14.23 6.96
N TRP A 168 -7.35 14.52 8.27
CA TRP A 168 -7.55 15.90 8.70
C TRP A 168 -6.36 16.75 8.27
N LEU A 169 -5.15 16.21 8.49
CA LEU A 169 -3.94 16.93 8.09
C LEU A 169 -3.87 17.13 6.56
N ALA A 170 -4.20 16.09 5.79
CA ALA A 170 -4.21 16.21 4.33
C ALA A 170 -5.13 17.34 3.89
N ARG A 171 -6.33 17.37 4.44
CA ARG A 171 -7.28 18.42 4.07
C ARG A 171 -6.73 19.82 4.38
N LYS A 172 -6.07 19.93 5.53
CA LYS A 172 -5.51 21.22 5.95
C LYS A 172 -4.34 21.67 5.07
N LEU A 173 -3.44 20.74 4.77
CA LEU A 173 -2.25 21.06 4.01
C LEU A 173 -2.58 21.35 2.56
N ILE A 174 -3.43 20.52 1.97
CA ILE A 174 -3.80 20.67 0.58
C ILE A 174 -4.78 21.83 0.37
N GLY A 175 -5.55 22.12 1.42
CA GLY A 175 -6.53 23.19 1.33
C GLY A 175 -7.79 22.72 0.61
N ASP A 176 -8.18 21.48 0.87
CA ASP A 176 -9.36 20.91 0.22
C ASP A 176 -10.21 20.17 1.26
N PRO A 177 -11.32 20.78 1.68
CA PRO A 177 -12.14 20.20 2.76
C PRO A 177 -12.87 18.95 2.28
N ASN A 178 -12.93 18.75 0.97
CA ASN A 178 -13.63 17.60 0.40
C ASN A 178 -12.69 16.46 -0.01
N LEU A 179 -11.42 16.56 0.35
CA LEU A 179 -10.47 15.50 0.06
C LEU A 179 -10.93 14.23 0.78
N GLU A 180 -10.83 13.09 0.10
CA GLU A 180 -11.19 11.81 0.70
C GLU A 180 -10.09 10.79 0.42
N PHE A 181 -9.95 9.80 1.29
CA PHE A 181 -9.08 8.66 0.99
C PHE A 181 -9.90 7.65 0.16
N VAL A 182 -9.35 7.25 -0.97
CA VAL A 182 -10.02 6.29 -1.85
C VAL A 182 -10.17 4.92 -1.18
N ALA A 183 -9.13 4.51 -0.45
CA ALA A 183 -9.16 3.27 0.30
C ALA A 183 -8.20 3.35 1.48
N MET A 184 -8.41 2.53 2.49
CA MET A 184 -7.47 2.45 3.61
C MET A 184 -6.16 1.81 3.13
N PRO A 185 -5.02 2.29 3.64
CA PRO A 185 -3.75 1.62 3.35
C PRO A 185 -3.76 0.24 3.98
N ALA A 186 -2.90 -0.65 3.51
CA ALA A 186 -2.76 -1.97 4.10
C ALA A 186 -2.18 -1.83 5.51
N LEU A 187 -2.93 -2.30 6.51
CA LEU A 187 -2.49 -2.20 7.90
C LEU A 187 -2.27 -3.57 8.52
N ALA A 188 -1.36 -3.65 9.49
CA ALA A 188 -1.23 -4.85 10.30
C ALA A 188 -2.60 -5.15 10.91
N PRO A 189 -3.01 -6.42 10.89
CA PRO A 189 -4.33 -6.79 11.42
C PRO A 189 -4.42 -6.42 12.89
N PRO A 190 -5.63 -6.04 13.36
CA PRO A 190 -5.79 -5.67 14.77
C PRO A 190 -5.29 -6.76 15.71
N GLU A 191 -4.55 -6.36 16.74
CA GLU A 191 -4.05 -7.28 17.76
C GLU A 191 -5.05 -7.41 18.90
N VAL A 192 -5.89 -6.40 19.05
CA VAL A 192 -6.98 -6.42 20.03
C VAL A 192 -8.22 -5.93 19.33
N VAL A 193 -9.39 -6.36 19.82
CA VAL A 193 -10.65 -5.90 19.27
C VAL A 193 -11.09 -4.59 19.90
N MET A 194 -11.53 -3.64 19.07
CA MET A 194 -12.14 -2.42 19.58
C MET A 194 -13.65 -2.56 19.52
N ASP A 195 -14.26 -2.82 20.67
CA ASP A 195 -15.71 -3.00 20.75
C ASP A 195 -16.45 -1.84 20.08
N PRO A 196 -17.20 -2.13 19.02
CA PRO A 196 -17.96 -1.13 18.25
C PRO A 196 -18.92 -0.32 19.13
N ALA A 197 -19.44 -0.94 20.18
CA ALA A 197 -20.35 -0.25 21.09
C ALA A 197 -19.60 0.83 21.86
N LEU A 198 -18.48 0.43 22.46
CA LEU A 198 -17.64 1.35 23.20
C LEU A 198 -17.17 2.50 22.31
N ALA A 199 -16.88 2.18 21.06
CA ALA A 199 -16.43 3.18 20.10
C ALA A 199 -17.52 4.22 19.85
N ALA A 200 -18.75 3.74 19.63
CA ALA A 200 -19.90 4.62 19.45
C ALA A 200 -20.07 5.53 20.65
N GLN A 201 -20.00 4.94 21.84
CA GLN A 201 -20.13 5.70 23.08
C GLN A 201 -19.06 6.79 23.20
N TYR A 202 -17.81 6.41 22.94
CA TYR A 202 -16.71 7.37 23.02
C TYR A 202 -16.91 8.51 22.04
N GLU A 203 -17.36 8.18 20.84
CA GLU A 203 -17.61 9.20 19.82
C GLU A 203 -18.70 10.16 20.29
N HIS A 204 -19.76 9.60 20.89
CA HIS A 204 -20.84 10.42 21.41
C HIS A 204 -20.36 11.30 22.55
N ASP A 205 -19.54 10.74 23.43
CA ASP A 205 -19.00 11.50 24.56
C ASP A 205 -18.21 12.71 24.09
N LEU A 206 -17.45 12.54 23.01
CA LEU A 206 -16.72 13.68 22.44
C LEU A 206 -17.68 14.74 21.89
N GLU A 207 -18.75 14.30 21.24
CA GLU A 207 -19.77 15.23 20.74
C GLU A 207 -20.37 16.05 21.88
N VAL A 208 -20.74 15.36 22.96
CA VAL A 208 -21.26 16.03 24.14
C VAL A 208 -20.25 17.04 24.68
N ALA A 209 -19.00 16.60 24.83
CA ALA A 209 -17.96 17.46 25.37
C ALA A 209 -17.75 18.72 24.52
N GLN A 210 -17.88 18.60 23.21
CA GLN A 210 -17.67 19.73 22.31
C GLN A 210 -18.69 20.85 22.53
N THR A 211 -19.84 20.51 23.11
CA THR A 211 -20.89 21.51 23.34
C THR A 211 -20.68 22.26 24.64
N THR A 212 -19.81 21.74 25.51
CA THR A 212 -19.55 22.36 26.81
C THR A 212 -18.74 23.65 26.64
N ALA A 213 -18.98 24.62 27.52
CA ALA A 213 -18.50 25.98 27.29
C ALA A 213 -16.99 26.20 27.34
N LEU A 214 -16.35 25.77 28.43
CA LEU A 214 -14.93 26.04 28.62
C LEU A 214 -14.27 24.97 29.49
N GLY B 64 17.87 25.19 -7.10
CA GLY B 64 18.45 23.86 -7.10
C GLY B 64 18.28 23.16 -5.77
N SER B 65 17.04 23.03 -5.32
CA SER B 65 16.75 22.35 -4.06
C SER B 65 16.93 20.85 -4.23
N TRP B 66 17.29 20.18 -3.15
CA TRP B 66 17.56 18.75 -3.20
C TRP B 66 16.94 18.02 -2.02
N ASP B 67 16.52 16.78 -2.26
CA ASP B 67 15.92 15.97 -1.22
C ASP B 67 16.98 15.12 -0.56
N CYS B 68 17.08 15.21 0.76
CA CYS B 68 18.02 14.38 1.50
C CYS B 68 17.67 12.92 1.29
N GLU B 69 18.65 12.13 0.90
CA GLU B 69 18.42 10.70 0.71
C GLU B 69 18.41 9.95 2.04
N VAL B 70 18.86 10.60 3.11
CA VAL B 70 18.88 9.96 4.42
C VAL B 70 17.56 10.15 5.16
N CYS B 71 17.05 11.37 5.21
CA CYS B 71 15.86 11.64 6.03
C CYS B 71 14.66 12.20 5.25
N LEU B 72 14.86 12.48 3.97
CA LEU B 72 13.79 12.93 3.06
C LEU B 72 13.39 14.40 3.18
N VAL B 73 14.11 15.18 3.98
CA VAL B 73 13.85 16.61 4.06
C VAL B 73 14.32 17.33 2.81
N GLN B 74 13.54 18.30 2.34
CA GLN B 74 13.96 19.13 1.21
C GLN B 74 14.86 20.27 1.67
N ASN B 75 16.03 20.41 1.03
CA ASN B 75 16.98 21.45 1.37
C ASN B 75 17.18 22.48 0.26
N LYS B 76 17.58 23.69 0.64
CA LYS B 76 17.86 24.76 -0.32
C LYS B 76 19.09 24.42 -1.14
N ALA B 77 19.28 25.13 -2.26
CA ALA B 77 20.47 24.95 -3.08
C ALA B 77 21.70 25.44 -2.32
N ASP B 78 21.51 26.45 -1.48
CA ASP B 78 22.59 27.03 -0.69
C ASP B 78 23.22 26.02 0.26
N SER B 79 22.38 25.17 0.84
CA SER B 79 22.84 24.21 1.83
C SER B 79 23.72 23.12 1.23
N THR B 80 24.83 22.81 1.91
CA THR B 80 25.73 21.77 1.48
C THR B 80 25.48 20.48 2.26
N LYS B 81 24.82 20.61 3.40
CA LYS B 81 24.42 19.46 4.20
C LYS B 81 22.99 19.63 4.70
N CYS B 82 22.32 18.52 4.98
CA CYS B 82 20.92 18.55 5.39
C CYS B 82 20.70 19.38 6.64
N ILE B 83 19.74 20.30 6.56
CA ILE B 83 19.42 21.18 7.67
C ILE B 83 18.92 20.37 8.86
N ALA B 84 18.37 19.20 8.59
CA ALA B 84 17.83 18.36 9.65
C ALA B 84 18.86 17.40 10.22
N CYS B 85 19.39 16.50 9.38
CA CYS B 85 20.19 15.39 9.87
C CYS B 85 21.70 15.53 9.67
N GLU B 86 22.12 16.59 8.99
CA GLU B 86 23.54 16.89 8.80
C GLU B 86 24.22 16.04 7.72
N SER B 87 23.45 15.27 6.98
CA SER B 87 24.01 14.46 5.91
C SER B 87 24.43 15.35 4.74
N ALA B 88 25.49 14.95 4.05
CA ALA B 88 26.01 15.74 2.93
C ALA B 88 25.12 15.58 1.70
N LYS B 89 25.14 16.59 0.82
CA LYS B 89 24.45 16.48 -0.46
C LYS B 89 25.27 15.62 -1.41
N PRO B 90 24.61 14.70 -2.12
CA PRO B 90 25.29 13.87 -3.12
C PRO B 90 26.01 14.72 -4.16
N GLU C 11 18.60 -4.02 2.53
CA GLU C 11 17.86 -5.24 2.20
C GLU C 11 17.51 -5.31 0.72
N PRO C 12 18.04 -6.32 0.02
CA PRO C 12 17.71 -6.57 -1.38
C PRO C 12 16.25 -7.00 -1.51
N GLN C 13 15.41 -6.16 -2.10
CA GLN C 13 13.99 -6.43 -2.21
C GLN C 13 13.67 -7.57 -3.18
N VAL C 14 12.72 -8.41 -2.80
CA VAL C 14 12.32 -9.55 -3.62
C VAL C 14 11.26 -9.13 -4.63
N GLN C 15 11.59 -9.24 -5.91
CA GLN C 15 10.63 -8.84 -6.94
C GLN C 15 10.70 -9.79 -8.11
N PHE C 16 9.58 -9.85 -8.85
CA PHE C 16 9.41 -10.79 -9.94
C PHE C 16 8.71 -10.11 -11.10
N LYS C 17 9.22 -10.31 -12.31
CA LYS C 17 8.52 -9.86 -13.50
C LYS C 17 7.38 -10.82 -13.78
N LEU C 18 6.17 -10.28 -13.84
CA LEU C 18 4.98 -11.07 -14.10
C LEU C 18 4.32 -10.55 -15.37
N VAL C 19 4.16 -11.41 -16.37
CA VAL C 19 3.50 -10.96 -17.58
C VAL C 19 2.03 -11.34 -17.55
N LEU C 20 1.18 -10.42 -17.97
CA LEU C 20 -0.25 -10.62 -17.90
C LEU C 20 -0.73 -10.65 -19.35
N VAL C 21 -1.18 -11.82 -19.80
CA VAL C 21 -1.56 -11.98 -21.20
C VAL C 21 -2.95 -12.59 -21.38
N GLY C 22 -3.44 -12.60 -22.61
CA GLY C 22 -4.80 -13.01 -22.90
C GLY C 22 -5.41 -12.09 -23.95
N ASP C 23 -6.52 -12.52 -24.56
CA ASP C 23 -7.14 -11.75 -25.65
C ASP C 23 -7.47 -10.33 -25.24
N GLY C 24 -7.51 -9.44 -26.23
CA GLY C 24 -7.98 -8.10 -26.00
C GLY C 24 -9.40 -8.14 -25.46
N GLY C 25 -9.69 -7.26 -24.51
CA GLY C 25 -11.03 -7.16 -23.96
C GLY C 25 -11.34 -8.09 -22.80
N THR C 26 -10.35 -8.85 -22.34
CA THR C 26 -10.61 -9.81 -21.26
C THR C 26 -10.60 -9.17 -19.87
N GLY C 27 -10.05 -7.95 -19.79
CA GLY C 27 -10.01 -7.19 -18.55
C GLY C 27 -8.64 -7.13 -17.88
N LYS C 28 -7.59 -7.33 -18.67
CA LYS C 28 -6.24 -7.32 -18.11
C LYS C 28 -5.88 -5.99 -17.45
N THR C 29 -6.11 -4.90 -18.18
CA THR C 29 -5.80 -3.58 -17.68
C THR C 29 -6.64 -3.24 -16.46
N THR C 30 -7.93 -3.56 -16.54
CA THR C 30 -8.83 -3.31 -15.42
C THR C 30 -8.33 -4.04 -14.17
N PHE C 31 -7.90 -5.28 -14.36
CA PHE C 31 -7.40 -6.10 -13.25
C PHE C 31 -6.15 -5.51 -12.62
N VAL C 32 -5.13 -5.23 -13.43
CA VAL C 32 -3.89 -4.75 -12.82
C VAL C 32 -4.10 -3.40 -12.12
N LYS C 33 -5.02 -2.59 -12.63
CA LYS C 33 -5.24 -1.25 -12.06
C LYS C 33 -5.94 -1.23 -10.69
N ARG C 34 -6.44 -2.37 -10.24
CA ARG C 34 -7.09 -2.42 -8.94
C ARG C 34 -6.12 -2.03 -7.84
N HIS C 35 -4.86 -2.41 -8.02
CA HIS C 35 -3.82 -2.14 -7.03
C HIS C 35 -3.39 -0.67 -7.09
N LEU C 36 -3.79 0.10 -6.07
CA LEU C 36 -3.68 1.57 -6.15
C LEU C 36 -2.25 2.06 -6.28
N THR C 37 -1.35 1.49 -5.49
CA THR C 37 0.05 1.92 -5.52
C THR C 37 0.73 1.43 -6.80
N GLY C 38 0.36 0.25 -7.26
CA GLY C 38 0.86 -0.25 -8.53
C GLY C 38 0.51 0.69 -9.66
N GLU C 39 -0.64 1.37 -9.55
CA GLU C 39 -1.06 2.28 -10.59
C GLU C 39 -0.34 3.62 -10.45
N SER C 40 -0.18 4.09 -9.22
CA SER C 40 0.46 5.40 -9.01
C SER C 40 1.96 5.36 -9.31
N GLU C 41 2.58 4.19 -9.14
CA GLU C 41 4.02 4.04 -9.39
C GLU C 41 4.33 3.31 -10.70
N LYS C 42 3.35 3.17 -11.57
CA LYS C 42 3.58 2.44 -12.81
C LYS C 42 4.61 3.13 -13.70
N LYS C 43 5.34 2.33 -14.47
CA LYS C 43 6.40 2.81 -15.33
C LYS C 43 6.05 2.53 -16.78
N TYR C 44 6.12 3.56 -17.62
CA TYR C 44 5.85 3.37 -19.04
C TYR C 44 7.13 2.98 -19.79
N VAL C 45 7.02 1.94 -20.62
CA VAL C 45 8.15 1.45 -21.40
C VAL C 45 7.85 1.72 -22.87
N ALA C 46 8.34 2.86 -23.36
CA ALA C 46 7.96 3.37 -24.68
C ALA C 46 8.32 2.45 -25.84
N THR C 47 9.49 1.82 -25.77
CA THR C 47 9.95 0.95 -26.87
C THR C 47 8.99 -0.21 -27.11
N LEU C 48 8.41 -0.73 -26.04
CA LEU C 48 7.54 -1.90 -26.14
C LEU C 48 6.06 -1.54 -26.00
N GLY C 49 5.78 -0.29 -25.67
CA GLY C 49 4.42 0.14 -25.43
C GLY C 49 3.78 -0.67 -24.31
N VAL C 50 4.41 -0.62 -23.14
CA VAL C 50 3.98 -1.44 -22.01
C VAL C 50 3.99 -0.56 -20.78
N GLU C 51 3.10 -0.85 -19.83
CA GLU C 51 3.15 -0.22 -18.52
C GLU C 51 3.47 -1.28 -17.50
N VAL C 52 4.53 -1.06 -16.72
CA VAL C 52 4.90 -2.00 -15.66
C VAL C 52 4.39 -1.49 -14.31
N HIS C 53 3.50 -2.25 -13.69
CA HIS C 53 2.90 -1.87 -12.40
C HIS C 53 3.58 -2.63 -11.28
N PRO C 54 4.21 -1.90 -10.35
CA PRO C 54 4.88 -2.61 -9.25
C PRO C 54 3.90 -2.92 -8.13
N LEU C 55 3.47 -4.17 -8.00
CA LEU C 55 2.47 -4.52 -7.01
C LEU C 55 3.11 -5.14 -5.78
N VAL C 56 3.14 -4.41 -4.67
CA VAL C 56 3.69 -4.97 -3.45
C VAL C 56 2.62 -5.69 -2.65
N PHE C 57 2.98 -6.88 -2.16
CA PHE C 57 2.14 -7.63 -1.25
C PHE C 57 2.96 -7.89 0.01
N HIS C 58 2.33 -7.72 1.17
CA HIS C 58 3.01 -7.97 2.43
C HIS C 58 2.72 -9.38 2.91
N THR C 59 3.77 -10.21 3.01
CA THR C 59 3.61 -11.60 3.39
C THR C 59 4.15 -11.82 4.78
N ASN C 60 3.92 -13.02 5.32
CA ASN C 60 4.39 -13.34 6.65
C ASN C 60 5.91 -13.44 6.67
N ARG C 61 6.52 -13.39 5.49
CA ARG C 61 7.97 -13.37 5.37
C ARG C 61 8.49 -12.10 4.69
N GLY C 62 7.75 -11.01 4.81
CA GLY C 62 8.20 -9.75 4.26
C GLY C 62 7.52 -9.40 2.95
N PRO C 63 7.88 -8.24 2.38
CA PRO C 63 7.24 -7.75 1.15
C PRO C 63 7.68 -8.56 -0.07
N ILE C 64 6.76 -8.74 -1.00
CA ILE C 64 7.07 -9.33 -2.29
C ILE C 64 6.49 -8.40 -3.33
N LYS C 65 7.28 -8.08 -4.36
CA LYS C 65 6.82 -7.17 -5.39
C LYS C 65 6.68 -7.90 -6.72
N PHE C 66 5.48 -7.85 -7.30
CA PHE C 66 5.25 -8.36 -8.66
C PHE C 66 5.22 -7.18 -9.61
N ASN C 67 6.21 -7.11 -10.49
CA ASN C 67 6.22 -6.09 -11.52
C ASN C 67 5.41 -6.61 -12.70
N VAL C 68 4.16 -6.16 -12.76
CA VAL C 68 3.21 -6.68 -13.74
C VAL C 68 3.26 -5.90 -15.05
N TRP C 69 3.48 -6.62 -16.14
CA TRP C 69 3.58 -6.01 -17.47
C TRP C 69 2.21 -6.03 -18.14
N ASP C 70 1.64 -4.86 -18.36
CA ASP C 70 0.36 -4.76 -19.04
C ASP C 70 0.55 -4.13 -20.41
N THR C 71 -0.10 -4.70 -21.43
CA THR C 71 0.03 -4.18 -22.79
C THR C 71 -0.70 -2.87 -22.95
N ALA C 72 -0.49 -2.24 -24.11
CA ALA C 72 -1.29 -1.10 -24.55
C ALA C 72 -2.25 -1.52 -25.66
N GLY C 73 -2.71 -2.77 -25.61
CA GLY C 73 -3.74 -3.21 -26.54
C GLY C 73 -3.23 -3.87 -27.81
N GLN C 74 -1.91 -3.99 -27.95
CA GLN C 74 -1.31 -4.57 -29.14
C GLN C 74 -1.69 -6.04 -29.36
N GLU C 75 -2.08 -6.73 -28.29
CA GLU C 75 -2.49 -8.13 -28.44
C GLU C 75 -3.69 -8.26 -29.36
N LYS C 76 -4.39 -7.15 -29.59
CA LYS C 76 -5.55 -7.17 -30.48
C LYS C 76 -5.16 -7.43 -31.94
N PHE C 77 -3.88 -7.29 -32.25
CA PHE C 77 -3.43 -7.33 -33.64
C PHE C 77 -2.46 -8.46 -33.96
N GLY C 78 -2.11 -9.25 -32.96
CA GLY C 78 -1.23 -10.38 -33.17
C GLY C 78 -0.48 -10.74 -31.90
N GLY C 79 0.46 -11.67 -32.01
CA GLY C 79 1.27 -12.06 -30.88
C GLY C 79 2.07 -10.88 -30.34
N LEU C 80 2.54 -11.00 -29.10
CA LEU C 80 3.37 -9.96 -28.52
C LEU C 80 4.84 -10.21 -28.85
N ARG C 81 5.65 -9.15 -28.84
CA ARG C 81 7.07 -9.25 -29.18
C ARG C 81 7.90 -9.92 -28.07
N ASP C 82 9.03 -10.49 -28.47
CA ASP C 82 9.89 -11.25 -27.55
C ASP C 82 10.25 -10.43 -26.31
N GLY C 83 10.54 -9.16 -26.50
CA GLY C 83 10.92 -8.28 -25.41
C GLY C 83 9.87 -8.19 -24.31
N TYR C 84 8.62 -8.36 -24.69
CA TYR C 84 7.54 -8.37 -23.71
C TYR C 84 7.69 -9.54 -22.73
N TYR C 85 8.06 -10.70 -23.27
CA TYR C 85 8.08 -11.94 -22.50
C TYR C 85 9.39 -12.14 -21.77
N ILE C 86 10.44 -11.53 -22.28
CA ILE C 86 11.80 -11.86 -21.87
C ILE C 86 12.04 -11.61 -20.38
N GLN C 87 12.62 -12.61 -19.72
CA GLN C 87 12.94 -12.54 -18.30
C GLN C 87 11.71 -12.56 -17.41
N ALA C 88 10.55 -12.90 -17.97
CA ALA C 88 9.38 -13.11 -17.14
C ALA C 88 9.67 -14.25 -16.17
N GLN C 89 9.20 -14.13 -14.94
CA GLN C 89 9.45 -15.15 -13.93
C GLN C 89 8.16 -15.86 -13.55
N CYS C 90 7.04 -15.28 -13.99
CA CYS C 90 5.73 -15.85 -13.75
C CYS C 90 4.72 -15.16 -14.65
N ALA C 91 3.49 -15.65 -14.67
CA ALA C 91 2.50 -15.11 -15.57
C ALA C 91 1.09 -15.40 -15.10
N ILE C 92 0.18 -14.59 -15.61
CA ILE C 92 -1.25 -14.82 -15.50
C ILE C 92 -1.79 -14.78 -16.93
N ILE C 93 -2.53 -15.81 -17.29
CA ILE C 93 -3.23 -15.83 -18.56
C ILE C 93 -4.69 -15.61 -18.27
N MET C 94 -5.26 -14.57 -18.87
CA MET C 94 -6.62 -14.19 -18.57
C MET C 94 -7.57 -14.52 -19.74
N PHE C 95 -8.78 -14.93 -19.40
CA PHE C 95 -9.84 -14.95 -20.40
C PHE C 95 -11.12 -14.40 -19.79
N ASP C 96 -12.14 -14.26 -20.62
CA ASP C 96 -13.40 -13.65 -20.24
C ASP C 96 -14.46 -14.75 -20.23
N VAL C 97 -15.04 -15.01 -19.06
CA VAL C 97 -16.02 -16.10 -18.94
C VAL C 97 -17.31 -15.82 -19.72
N THR C 98 -17.43 -14.62 -20.27
CA THR C 98 -18.59 -14.28 -21.10
C THR C 98 -18.28 -14.40 -22.60
N SER C 99 -17.05 -14.78 -22.94
CA SER C 99 -16.65 -14.91 -24.34
C SER C 99 -15.84 -16.18 -24.58
N ARG C 100 -16.50 -17.19 -25.15
CA ARG C 100 -15.89 -18.50 -25.29
C ARG C 100 -14.63 -18.48 -26.14
N VAL C 101 -14.59 -17.59 -27.13
CA VAL C 101 -13.42 -17.53 -28.00
C VAL C 101 -12.17 -17.13 -27.21
N THR C 102 -12.34 -16.34 -26.15
CA THR C 102 -11.19 -15.95 -25.33
C THR C 102 -10.60 -17.17 -24.62
N TYR C 103 -11.46 -18.11 -24.22
CA TYR C 103 -10.97 -19.34 -23.62
C TYR C 103 -10.34 -20.24 -24.68
N LYS C 104 -10.94 -20.26 -25.87
CA LYS C 104 -10.39 -21.05 -26.97
C LYS C 104 -8.97 -20.63 -27.32
N ASN C 105 -8.67 -19.34 -27.12
CA ASN C 105 -7.33 -18.81 -27.41
C ASN C 105 -6.31 -18.98 -26.28
N VAL C 106 -6.75 -19.47 -25.14
CA VAL C 106 -5.84 -19.67 -24.01
C VAL C 106 -4.64 -20.56 -24.37
N PRO C 107 -4.87 -21.69 -25.06
CA PRO C 107 -3.73 -22.54 -25.43
C PRO C 107 -2.72 -21.81 -26.31
N ASN C 108 -3.17 -20.90 -27.16
CA ASN C 108 -2.25 -20.10 -27.97
C ASN C 108 -1.36 -19.18 -27.12
N TRP C 109 -1.97 -18.52 -26.15
CA TRP C 109 -1.22 -17.67 -25.24
C TRP C 109 -0.20 -18.48 -24.48
N HIS C 110 -0.61 -19.64 -24.00
CA HIS C 110 0.29 -20.52 -23.26
C HIS C 110 1.47 -20.93 -24.14
N ARG C 111 1.19 -21.30 -25.38
CA ARG C 111 2.24 -21.66 -26.32
C ARG C 111 3.22 -20.51 -26.51
N ASP C 112 2.69 -19.31 -26.78
CA ASP C 112 3.52 -18.13 -27.03
C ASP C 112 4.38 -17.80 -25.82
N LEU C 113 3.81 -17.99 -24.64
CA LEU C 113 4.48 -17.69 -23.39
C LEU C 113 5.63 -18.66 -23.14
N VAL C 114 5.31 -19.95 -23.19
CA VAL C 114 6.27 -21.01 -22.91
C VAL C 114 7.40 -21.06 -23.94
N ARG C 115 7.12 -20.62 -25.16
CA ARG C 115 8.14 -20.57 -26.20
C ARG C 115 9.30 -19.69 -25.74
N VAL C 116 8.98 -18.57 -25.09
CA VAL C 116 9.99 -17.62 -24.66
C VAL C 116 10.48 -17.86 -23.23
N CYS C 117 9.58 -18.29 -22.34
CA CYS C 117 9.90 -18.36 -20.92
C CYS C 117 10.07 -19.78 -20.36
N GLU C 118 9.61 -20.77 -21.12
CA GLU C 118 9.68 -22.16 -20.67
C GLU C 118 8.74 -22.43 -19.50
N ASN C 119 9.22 -23.24 -18.57
CA ASN C 119 8.48 -23.57 -17.35
C ASN C 119 8.63 -22.49 -16.28
N ILE C 120 7.78 -21.47 -16.35
CA ILE C 120 7.60 -20.56 -15.22
C ILE C 120 6.22 -20.87 -14.65
N PRO C 121 6.00 -20.55 -13.36
CA PRO C 121 4.66 -20.73 -12.77
C PRO C 121 3.62 -19.85 -13.47
N ILE C 122 2.46 -20.41 -13.77
CA ILE C 122 1.41 -19.70 -14.48
C ILE C 122 0.06 -19.94 -13.85
N VAL C 123 -0.71 -18.87 -13.70
CA VAL C 123 -2.06 -18.96 -13.18
C VAL C 123 -3.04 -18.61 -14.29
N LEU C 124 -4.08 -19.40 -14.42
CA LEU C 124 -5.12 -19.11 -15.40
C LEU C 124 -6.32 -18.47 -14.70
N CYS C 125 -6.77 -17.33 -15.22
CA CYS C 125 -7.85 -16.58 -14.60
C CYS C 125 -9.02 -16.35 -15.54
N GLY C 126 -10.21 -16.73 -15.10
CA GLY C 126 -11.43 -16.44 -15.82
C GLY C 126 -12.07 -15.21 -15.21
N ASN C 127 -12.03 -14.12 -15.96
CA ASN C 127 -12.49 -12.82 -15.48
C ASN C 127 -13.95 -12.55 -15.83
N LYS C 128 -14.53 -11.57 -15.13
CA LYS C 128 -15.89 -11.08 -15.35
C LYS C 128 -16.99 -12.00 -14.82
N VAL C 129 -16.68 -12.73 -13.75
CA VAL C 129 -17.65 -13.66 -13.17
C VAL C 129 -18.78 -12.94 -12.44
N ASP C 130 -18.67 -11.63 -12.33
CA ASP C 130 -19.76 -10.84 -11.76
C ASP C 130 -20.96 -10.79 -12.73
N ILE C 131 -20.72 -11.09 -14.00
CA ILE C 131 -21.80 -11.05 -15.00
C ILE C 131 -22.67 -12.30 -14.91
N LYS C 132 -23.96 -12.11 -14.69
CA LYS C 132 -24.89 -13.23 -14.50
C LYS C 132 -24.87 -14.21 -15.66
N ASP C 133 -24.91 -13.70 -16.88
CA ASP C 133 -24.97 -14.55 -18.07
C ASP C 133 -23.60 -15.13 -18.41
N ARG C 134 -23.18 -16.12 -17.64
CA ARG C 134 -21.85 -16.71 -17.81
C ARG C 134 -21.85 -17.80 -18.88
N LYS C 135 -20.85 -17.76 -19.76
CA LYS C 135 -20.78 -18.69 -20.89
C LYS C 135 -19.78 -19.81 -20.67
N VAL C 136 -18.62 -19.48 -20.12
CA VAL C 136 -17.60 -20.47 -19.84
C VAL C 136 -17.67 -20.86 -18.36
N LYS C 137 -18.26 -22.02 -18.08
CA LYS C 137 -18.49 -22.45 -16.72
C LYS C 137 -17.44 -23.45 -16.22
N ALA C 138 -17.47 -23.70 -14.91
CA ALA C 138 -16.46 -24.53 -14.27
C ALA C 138 -16.22 -25.86 -15.00
N LYS C 139 -17.30 -26.53 -15.41
CA LYS C 139 -17.16 -27.84 -16.04
C LYS C 139 -16.38 -27.80 -17.35
N SER C 140 -16.38 -26.65 -18.01
CA SER C 140 -15.69 -26.52 -19.29
C SER C 140 -14.24 -26.04 -19.16
N ILE C 141 -13.89 -25.56 -17.97
CA ILE C 141 -12.56 -25.01 -17.76
C ILE C 141 -11.59 -26.12 -17.37
N VAL C 142 -10.76 -26.51 -18.33
CA VAL C 142 -10.02 -27.75 -18.24
C VAL C 142 -8.54 -27.59 -18.58
N PHE C 143 -8.21 -26.53 -19.30
CA PHE C 143 -6.84 -26.32 -19.77
C PHE C 143 -5.77 -26.40 -18.69
N HIS C 144 -6.07 -25.83 -17.52
CA HIS C 144 -5.09 -25.76 -16.44
C HIS C 144 -4.71 -27.15 -15.95
N ARG C 145 -5.68 -28.05 -15.88
CA ARG C 145 -5.44 -29.41 -15.42
C ARG C 145 -4.49 -30.12 -16.38
N LYS C 146 -4.57 -29.75 -17.64
CA LYS C 146 -3.76 -30.36 -18.70
C LYS C 146 -2.29 -29.98 -18.59
N LYS C 147 -2.03 -28.79 -18.05
CA LYS C 147 -0.69 -28.20 -18.14
C LYS C 147 -0.02 -27.87 -16.80
N ASN C 148 -0.60 -28.32 -15.69
CA ASN C 148 -0.03 -28.08 -14.36
C ASN C 148 -0.37 -26.70 -13.78
N LEU C 149 -1.31 -26.00 -14.41
CA LEU C 149 -1.63 -24.63 -14.00
C LEU C 149 -2.64 -24.57 -12.87
N GLN C 150 -2.65 -23.46 -12.12
CA GLN C 150 -3.71 -23.24 -11.14
C GLN C 150 -4.77 -22.37 -11.80
N TYR C 151 -6.04 -22.60 -11.46
CA TYR C 151 -7.12 -21.77 -12.02
C TYR C 151 -7.87 -21.02 -10.93
N TYR C 152 -8.28 -19.78 -11.22
CA TYR C 152 -9.21 -19.00 -10.39
C TYR C 152 -10.23 -18.23 -11.21
N ASP C 153 -11.48 -18.23 -10.74
CA ASP C 153 -12.45 -17.25 -11.19
C ASP C 153 -12.02 -15.91 -10.58
N ILE C 154 -12.11 -14.83 -11.35
CA ILE C 154 -11.92 -13.50 -10.80
C ILE C 154 -12.98 -12.55 -11.34
N SER C 155 -13.12 -11.42 -10.68
CA SER C 155 -13.88 -10.29 -11.23
C SER C 155 -13.09 -9.03 -10.90
N ALA C 156 -12.40 -8.50 -11.89
CA ALA C 156 -11.59 -7.30 -11.69
C ALA C 156 -12.42 -6.16 -11.12
N LYS C 157 -13.61 -5.95 -11.69
CA LYS C 157 -14.47 -4.83 -11.30
C LYS C 157 -14.96 -4.88 -9.86
N SER C 158 -14.99 -6.08 -9.28
CA SER C 158 -15.44 -6.22 -7.89
C SER C 158 -14.32 -6.62 -6.91
N ASN C 159 -13.09 -6.76 -7.41
CA ASN C 159 -11.97 -7.22 -6.59
C ASN C 159 -12.07 -8.70 -6.16
N TYR C 160 -13.08 -9.39 -6.68
CA TYR C 160 -13.30 -10.77 -6.27
C TYR C 160 -12.10 -11.64 -6.61
N ASN C 161 -11.55 -12.29 -5.59
CA ASN C 161 -10.39 -13.17 -5.73
C ASN C 161 -9.12 -12.47 -6.23
N PHE C 162 -9.06 -11.14 -6.08
CA PHE C 162 -7.92 -10.39 -6.60
C PHE C 162 -6.56 -10.98 -6.17
N GLU C 163 -6.45 -11.33 -4.89
CA GLU C 163 -5.16 -11.73 -4.34
C GLU C 163 -4.76 -13.15 -4.71
N LYS C 164 -5.73 -13.96 -5.12
CA LYS C 164 -5.51 -15.40 -5.25
C LYS C 164 -4.37 -15.77 -6.20
N PRO C 165 -4.36 -15.22 -7.42
CA PRO C 165 -3.27 -15.57 -8.35
C PRO C 165 -1.91 -15.20 -7.79
N PHE C 166 -1.84 -14.04 -7.16
CA PHE C 166 -0.57 -13.56 -6.62
C PHE C 166 -0.10 -14.43 -5.46
N LEU C 167 -1.01 -14.87 -4.61
CA LEU C 167 -0.63 -15.71 -3.47
C LEU C 167 -0.11 -17.06 -3.96
N TRP C 168 -0.79 -17.64 -4.95
CA TRP C 168 -0.37 -18.94 -5.47
C TRP C 168 1.00 -18.83 -6.12
N LEU C 169 1.19 -17.79 -6.93
CA LEU C 169 2.50 -17.53 -7.54
C LEU C 169 3.59 -17.30 -6.50
N ALA C 170 3.31 -16.48 -5.49
CA ALA C 170 4.30 -16.25 -4.43
C ALA C 170 4.74 -17.57 -3.80
N ARG C 171 3.77 -18.41 -3.46
CA ARG C 171 4.07 -19.69 -2.83
C ARG C 171 4.94 -20.57 -3.72
N LYS C 172 4.64 -20.58 -5.03
CA LYS C 172 5.42 -21.37 -5.98
C LYS C 172 6.84 -20.84 -6.12
N LEU C 173 6.98 -19.53 -6.28
CA LEU C 173 8.26 -18.89 -6.52
C LEU C 173 9.18 -18.98 -5.31
N ILE C 174 8.62 -18.72 -4.14
CA ILE C 174 9.40 -18.68 -2.90
C ILE C 174 9.66 -20.10 -2.40
N GLY C 175 8.78 -21.03 -2.75
CA GLY C 175 8.91 -22.41 -2.33
C GLY C 175 8.45 -22.62 -0.89
N ASP C 176 7.39 -21.89 -0.52
CA ASP C 176 6.84 -21.97 0.83
C ASP C 176 5.32 -22.09 0.74
N PRO C 177 4.79 -23.29 0.98
CA PRO C 177 3.35 -23.53 0.80
C PRO C 177 2.52 -22.85 1.89
N ASN C 178 3.17 -22.44 2.96
CA ASN C 178 2.48 -21.82 4.08
C ASN C 178 2.60 -20.30 4.08
N LEU C 179 3.12 -19.74 3.00
CA LEU C 179 3.21 -18.29 2.86
C LEU C 179 1.80 -17.69 2.88
N GLU C 180 1.65 -16.57 3.59
CA GLU C 180 0.35 -15.91 3.69
C GLU C 180 0.53 -14.42 3.43
N PHE C 181 -0.52 -13.77 2.96
CA PHE C 181 -0.53 -12.31 2.91
C PHE C 181 -1.02 -11.79 4.27
N VAL C 182 -0.25 -10.89 4.87
CA VAL C 182 -0.61 -10.32 6.17
C VAL C 182 -1.88 -9.47 6.08
N ALA C 183 -2.02 -8.74 4.98
CA ALA C 183 -3.22 -7.95 4.72
C ALA C 183 -3.40 -7.76 3.22
N MET C 184 -4.61 -7.46 2.79
CA MET C 184 -4.85 -7.11 1.38
C MET C 184 -4.21 -5.77 1.05
N PRO C 185 -3.67 -5.62 -0.16
CA PRO C 185 -3.19 -4.30 -0.59
C PRO C 185 -4.37 -3.35 -0.70
N ALA C 186 -4.09 -2.05 -0.71
CA ALA C 186 -5.15 -1.07 -0.92
C ALA C 186 -5.65 -1.17 -2.36
N LEU C 187 -6.93 -1.44 -2.54
CA LEU C 187 -7.51 -1.59 -3.87
C LEU C 187 -8.57 -0.53 -4.15
N ALA C 188 -8.74 -0.18 -5.43
CA ALA C 188 -9.86 0.64 -5.85
C ALA C 188 -11.14 -0.05 -5.35
N PRO C 189 -12.08 0.73 -4.79
CA PRO C 189 -13.32 0.15 -4.28
C PRO C 189 -14.09 -0.55 -5.41
N PRO C 190 -14.81 -1.63 -5.08
CA PRO C 190 -15.59 -2.37 -6.10
C PRO C 190 -16.52 -1.46 -6.88
N GLU C 191 -16.52 -1.58 -8.20
CA GLU C 191 -17.42 -0.82 -9.07
C GLU C 191 -18.74 -1.57 -9.28
N VAL C 192 -18.69 -2.88 -9.12
CA VAL C 192 -19.89 -3.70 -9.17
C VAL C 192 -19.84 -4.65 -7.99
N VAL C 193 -21.01 -5.14 -7.58
CA VAL C 193 -21.09 -6.06 -6.46
C VAL C 193 -20.97 -7.50 -6.95
N MET C 194 -20.12 -8.28 -6.27
CA MET C 194 -20.07 -9.71 -6.56
C MET C 194 -21.00 -10.44 -5.59
N ASP C 195 -22.14 -10.90 -6.11
CA ASP C 195 -23.14 -11.56 -5.29
C ASP C 195 -22.51 -12.70 -4.49
N PRO C 196 -22.49 -12.55 -3.15
CA PRO C 196 -21.90 -13.56 -2.27
C PRO C 196 -22.44 -14.97 -2.55
N ALA C 197 -23.73 -15.07 -2.85
CA ALA C 197 -24.35 -16.36 -3.16
C ALA C 197 -23.74 -16.95 -4.42
N LEU C 198 -23.78 -16.17 -5.50
CA LEU C 198 -23.20 -16.57 -6.77
C LEU C 198 -21.75 -17.02 -6.59
N ALA C 199 -21.01 -16.28 -5.77
CA ALA C 199 -19.61 -16.59 -5.51
C ALA C 199 -19.45 -17.96 -4.85
N ALA C 200 -20.31 -18.23 -3.87
CA ALA C 200 -20.28 -19.52 -3.19
C ALA C 200 -20.57 -20.64 -4.17
N GLN C 201 -21.59 -20.44 -5.00
CA GLN C 201 -21.98 -21.44 -5.99
C GLN C 201 -20.86 -21.71 -6.98
N TYR C 202 -20.23 -20.65 -7.47
CA TYR C 202 -19.13 -20.80 -8.42
C TYR C 202 -17.97 -21.55 -7.78
N GLU C 203 -17.71 -21.27 -6.51
CA GLU C 203 -16.62 -21.93 -5.80
C GLU C 203 -16.91 -23.43 -5.66
N HIS C 204 -18.13 -23.78 -5.29
CA HIS C 204 -18.50 -25.18 -5.17
C HIS C 204 -18.44 -25.87 -6.54
N ASP C 205 -18.93 -25.19 -7.57
CA ASP C 205 -18.91 -25.73 -8.93
C ASP C 205 -17.50 -26.07 -9.38
N LEU C 206 -16.54 -25.23 -9.04
CA LEU C 206 -15.14 -25.52 -9.35
C LEU C 206 -14.63 -26.76 -8.59
N GLU C 207 -15.05 -26.90 -7.34
CA GLU C 207 -14.70 -28.08 -6.55
C GLU C 207 -15.21 -29.35 -7.22
N VAL C 208 -16.48 -29.34 -7.60
CA VAL C 208 -17.09 -30.47 -8.29
C VAL C 208 -16.36 -30.79 -9.59
N ALA C 209 -16.06 -29.77 -10.37
CA ALA C 209 -15.35 -29.96 -11.62
C ALA C 209 -13.98 -30.58 -11.37
N GLN C 210 -13.36 -30.17 -10.28
CA GLN C 210 -12.02 -30.65 -9.94
C GLN C 210 -12.03 -32.12 -9.54
N THR C 211 -13.07 -32.52 -8.81
CA THR C 211 -13.19 -33.91 -8.37
C THR C 211 -13.63 -34.80 -9.53
N THR C 212 -14.23 -34.19 -10.56
CA THR C 212 -14.69 -34.91 -11.74
C THR C 212 -13.54 -35.23 -12.68
N ALA C 213 -13.48 -36.47 -13.15
CA ALA C 213 -12.41 -36.89 -14.05
C ALA C 213 -12.47 -36.15 -15.39
N LEU C 214 -11.34 -36.10 -16.08
CA LEU C 214 -11.25 -35.40 -17.36
C LEU C 214 -12.42 -35.75 -18.29
N SER D 65 25.65 -7.13 -12.11
CA SER D 65 24.35 -7.02 -12.76
C SER D 65 23.62 -5.74 -12.32
N TRP D 66 22.68 -5.28 -13.14
CA TRP D 66 22.03 -4.00 -12.92
C TRP D 66 20.55 -4.05 -13.27
N ASP D 67 19.75 -3.31 -12.52
CA ASP D 67 18.31 -3.25 -12.76
C ASP D 67 18.00 -2.14 -13.75
N CYS D 68 17.19 -2.46 -14.74
CA CYS D 68 16.76 -1.44 -15.70
C CYS D 68 15.86 -0.44 -15.00
N GLU D 69 16.19 0.84 -15.16
CA GLU D 69 15.41 1.91 -14.55
C GLU D 69 14.13 2.17 -15.34
N VAL D 70 14.07 1.66 -16.56
CA VAL D 70 12.89 1.84 -17.40
C VAL D 70 11.84 0.76 -17.17
N CYS D 71 12.26 -0.51 -17.18
CA CYS D 71 11.30 -1.61 -17.09
C CYS D 71 11.48 -2.54 -15.89
N LEU D 72 12.52 -2.32 -15.11
CA LEU D 72 12.75 -3.07 -13.85
C LEU D 72 13.31 -4.49 -14.02
N VAL D 73 13.61 -4.89 -15.26
CA VAL D 73 14.22 -6.18 -15.50
C VAL D 73 15.67 -6.21 -15.02
N GLN D 74 16.07 -7.32 -14.41
CA GLN D 74 17.46 -7.48 -14.00
C GLN D 74 18.33 -7.95 -15.17
N ASN D 75 19.38 -7.20 -15.46
CA ASN D 75 20.30 -7.54 -16.54
C ASN D 75 21.64 -8.05 -16.04
N LYS D 76 22.53 -8.41 -16.96
CA LYS D 76 23.85 -8.91 -16.60
C LYS D 76 24.92 -7.84 -16.78
N ALA D 77 26.04 -8.01 -16.09
CA ALA D 77 27.12 -7.02 -16.11
C ALA D 77 27.53 -6.65 -17.53
N ASP D 78 27.85 -7.66 -18.34
CA ASP D 78 28.35 -7.43 -19.69
C ASP D 78 27.38 -6.66 -20.59
N SER D 79 26.09 -6.90 -20.42
CA SER D 79 25.08 -6.26 -21.25
C SER D 79 25.11 -4.74 -21.11
N THR D 80 25.15 -4.05 -22.24
CA THR D 80 25.21 -2.60 -22.25
C THR D 80 23.81 -1.99 -22.36
N LYS D 81 22.85 -2.82 -22.77
CA LYS D 81 21.46 -2.38 -22.89
C LYS D 81 20.55 -3.43 -22.28
N CYS D 82 19.32 -3.03 -21.94
CA CYS D 82 18.36 -3.94 -21.35
C CYS D 82 17.92 -5.01 -22.34
N ILE D 83 17.98 -6.27 -21.92
CA ILE D 83 17.62 -7.39 -22.77
C ILE D 83 16.13 -7.39 -23.10
N ALA D 84 15.35 -6.68 -22.29
CA ALA D 84 13.91 -6.60 -22.55
C ALA D 84 13.56 -5.41 -23.42
N CYS D 85 13.81 -4.21 -22.91
CA CYS D 85 13.29 -2.98 -23.51
C CYS D 85 14.31 -2.19 -24.32
N GLU D 86 15.56 -2.64 -24.34
CA GLU D 86 16.63 -2.01 -25.14
C GLU D 86 17.18 -0.71 -24.56
N SER D 87 16.67 -0.30 -23.39
CA SER D 87 17.19 0.89 -22.74
C SER D 87 18.65 0.67 -22.33
N ALA D 88 19.46 1.70 -22.49
CA ALA D 88 20.88 1.60 -22.16
C ALA D 88 21.11 1.67 -20.65
N LYS D 89 22.21 1.07 -20.19
CA LYS D 89 22.58 1.14 -18.78
C LYS D 89 23.05 2.54 -18.40
N PRO D 90 22.59 3.03 -17.24
CA PRO D 90 23.00 4.34 -16.73
C PRO D 90 24.51 4.44 -16.59
#